data_6P9F
#
_entry.id   6P9F
#
_cell.length_a   64.128
_cell.length_b   64.128
_cell.length_c   159.666
_cell.angle_alpha   90.00
_cell.angle_beta   90.00
_cell.angle_gamma   90.00
#
_symmetry.space_group_name_H-M   'P 41'
#
loop_
_entity.id
_entity.type
_entity.pdbx_description
1 polymer 'Nuclear receptor ROR-gamma, Nuclear receptor coactivator 1 chimera'
2 non-polymer 'trans-4-{(3R)-3-[(4-fluorophenyl)sulfonyl]-3-[4-(1,1,1,2,3,3,3-heptafluoropropan-2-yl)phenyl]pyrrolidine-1-carbonyl}cyclohexane-1-carboxylic acid'
3 water water
#
_entity_poly.entity_id   1
_entity_poly.type   'polypeptide(L)'
_entity_poly.pdbx_seq_one_letter_code
;MGSSHHHHHHSSGLVPRGSHMASLTEIEHLVQSVCKSYRETCQLRLEDLLRQRSNIFSREEVTGYQRKSMWEMWERCAHH
LTEAIQYVVEFAKRLSGFMELCQNDQIVLLKAGAMEVVLVRMCRAYNADNRTVFFEGKYGGMELFRALGCSELISSIFDF
SHSLSALHFSEDEIALYTALVLINAHRPGLQEKRKVEQLQYNLELAFHHHLCKTHRQSILAKLPPKGKLRSLCSQHVERL
QIFQHLHPIVVQAAFPPLYKELFSTSGGSGGLTERHKILHRLLQE
;
_entity_poly.pdbx_strand_id   A,B
#
loop_
_chem_comp.id
_chem_comp.type
_chem_comp.name
_chem_comp.formula
O5A non-polymer 'trans-4-{(3R)-3-[(4-fluorophenyl)sulfonyl]-3-[4-(1,1,1,2,3,3,3-heptafluoropropan-2-yl)phenyl]pyrrolidine-1-carbonyl}cyclohexane-1-carboxylic acid' 'C27 H25 F8 N O5 S'
#
# COMPACT_ATOMS: atom_id res chain seq x y z
N MET A 21 29.66 -11.45 16.42
CA MET A 21 29.48 -10.23 15.64
C MET A 21 29.80 -8.99 16.48
N ALA A 22 30.20 -7.90 15.80
CA ALA A 22 30.58 -6.55 16.26
C ALA A 22 31.24 -6.46 17.65
N SER A 23 32.55 -6.24 17.66
CA SER A 23 33.34 -6.01 18.86
C SER A 23 33.13 -4.54 19.24
N LEU A 24 33.76 -4.07 20.33
CA LEU A 24 33.65 -2.69 20.78
C LEU A 24 34.32 -1.72 19.80
N THR A 25 35.43 -2.17 19.18
CA THR A 25 36.19 -1.39 18.20
C THR A 25 35.43 -1.23 16.87
N GLU A 26 34.64 -2.27 16.48
CA GLU A 26 33.80 -2.23 15.29
C GLU A 26 32.70 -1.17 15.46
N ILE A 27 32.14 -1.06 16.71
CA ILE A 27 31.11 -0.11 17.15
C ILE A 27 31.68 1.29 17.20
N GLU A 28 32.89 1.44 17.72
CA GLU A 28 33.55 2.74 17.78
C GLU A 28 33.91 3.26 16.38
N HIS A 29 34.28 2.33 15.47
CA HIS A 29 34.61 2.67 14.09
C HIS A 29 33.34 3.05 13.37
N LEU A 30 32.21 2.36 13.72
CA LEU A 30 30.90 2.66 13.16
C LEU A 30 30.43 4.08 13.49
N VAL A 31 30.67 4.54 14.74
CA VAL A 31 30.27 5.86 15.23
C VAL A 31 30.97 6.89 14.39
N GLN A 32 32.27 6.71 14.19
CA GLN A 32 33.03 7.68 13.43
C GLN A 32 32.63 7.70 11.96
N SER A 33 32.23 6.52 11.45
CA SER A 33 31.79 6.34 10.08
C SER A 33 30.44 7.08 9.80
N VAL A 34 29.40 6.83 10.63
CA VAL A 34 28.08 7.45 10.53
C VAL A 34 28.17 8.96 10.60
N CYS A 35 28.97 9.49 11.55
CA CYS A 35 29.19 10.92 11.72
C CYS A 35 29.85 11.56 10.51
N LYS A 36 30.83 10.86 9.92
CA LYS A 36 31.56 11.27 8.73
C LYS A 36 30.59 11.33 7.55
N SER A 37 29.79 10.25 7.32
CA SER A 37 28.79 10.16 6.25
C SER A 37 27.81 11.33 6.33
N TYR A 38 27.34 11.64 7.56
CA TYR A 38 26.41 12.72 7.82
C TYR A 38 27.04 14.09 7.51
N ARG A 39 28.21 14.40 8.10
CA ARG A 39 28.90 15.68 7.87
C ARG A 39 29.07 15.97 6.38
N GLU A 40 29.49 14.93 5.63
CA GLU A 40 29.71 14.95 4.19
C GLU A 40 28.45 15.14 3.37
N THR A 41 27.26 14.72 3.90
CA THR A 41 26.02 14.76 3.11
C THR A 41 24.95 15.74 3.63
N CYS A 42 25.33 16.82 4.33
CA CYS A 42 24.37 17.84 4.77
C CYS A 42 24.23 18.89 3.70
N GLN A 43 22.99 19.20 3.32
CA GLN A 43 22.68 20.20 2.29
C GLN A 43 23.26 21.58 2.69
N LEU A 44 23.19 21.92 3.99
CA LEU A 44 23.62 23.19 4.58
C LEU A 44 24.50 22.98 5.79
N ARG A 45 25.49 23.88 6.01
CA ARG A 45 26.40 23.86 7.18
C ARG A 45 25.63 24.45 8.35
N LEU A 46 25.73 23.82 9.55
CA LEU A 46 25.09 24.31 10.79
C LEU A 46 25.62 25.69 11.14
N GLU A 47 26.94 25.88 10.99
CA GLU A 47 27.64 27.14 11.23
C GLU A 47 27.00 28.29 10.43
N ASP A 48 26.72 28.06 9.13
CA ASP A 48 26.10 29.06 8.24
C ASP A 48 24.62 29.32 8.59
N LEU A 49 23.89 28.28 9.08
CA LEU A 49 22.48 28.41 9.44
C LEU A 49 22.37 29.31 10.66
N LEU A 50 23.27 29.13 11.64
CA LEU A 50 23.30 29.91 12.88
C LEU A 50 23.70 31.40 12.66
N ARG A 51 24.61 31.65 11.72
CA ARG A 51 25.03 33.01 11.32
C ARG A 51 23.83 33.77 10.68
N GLN A 52 23.04 33.08 9.87
CA GLN A 52 21.91 33.67 9.18
C GLN A 52 20.69 33.91 10.05
N ARG A 53 20.69 33.49 11.35
CA ARG A 53 19.55 33.67 12.27
C ARG A 53 18.98 35.08 12.30
N SER A 54 19.88 36.10 12.29
CA SER A 54 19.53 37.53 12.30
C SER A 54 18.79 37.95 11.01
N ASN A 55 19.19 37.34 9.85
CA ASN A 55 18.60 37.57 8.51
C ASN A 55 17.15 37.07 8.42
N ILE A 56 16.22 37.89 8.94
CA ILE A 56 14.79 37.63 9.02
C ILE A 56 14.02 38.40 7.94
N PHE A 57 13.03 37.74 7.29
CA PHE A 57 12.21 38.34 6.22
C PHE A 57 11.42 39.57 6.70
N SER A 58 11.37 40.63 5.85
CA SER A 58 10.59 41.85 6.09
C SER A 58 9.11 41.54 5.87
N ARG A 59 8.22 42.34 6.49
CA ARG A 59 6.76 42.18 6.32
C ARG A 59 6.33 42.33 4.83
N GLU A 60 7.10 43.05 3.98
CA GLU A 60 6.85 43.20 2.54
C GLU A 60 7.10 41.89 1.85
N GLU A 61 8.29 41.27 2.16
CA GLU A 61 8.73 39.95 1.66
C GLU A 61 7.73 38.85 2.10
N VAL A 62 7.23 38.93 3.35
CA VAL A 62 6.24 38.03 3.97
C VAL A 62 4.93 38.12 3.18
N THR A 63 4.53 39.36 2.86
CA THR A 63 3.32 39.70 2.09
C THR A 63 3.45 39.11 0.70
N GLY A 64 4.68 39.22 0.13
CA GLY A 64 5.04 38.67 -1.18
C GLY A 64 4.74 37.19 -1.29
N TYR A 65 5.22 36.41 -0.28
CA TYR A 65 5.01 34.98 -0.18
C TYR A 65 3.55 34.62 0.02
N GLN A 66 2.84 35.43 0.83
CA GLN A 66 1.42 35.26 1.16
C GLN A 66 0.51 35.53 -0.04
N ARG A 67 0.97 36.39 -0.98
CA ARG A 67 0.25 36.77 -2.20
C ARG A 67 0.51 35.80 -3.37
N LYS A 68 1.52 34.91 -3.25
CA LYS A 68 1.83 33.90 -4.26
C LYS A 68 0.71 32.84 -4.34
N SER A 69 0.49 32.28 -5.55
CA SER A 69 -0.52 31.23 -5.78
C SER A 69 -0.22 29.98 -4.93
N MET A 70 -1.25 29.16 -4.69
CA MET A 70 -1.14 27.92 -3.94
C MET A 70 -0.16 27.00 -4.65
N TRP A 71 -0.38 26.85 -5.94
CA TRP A 71 0.39 25.97 -6.79
C TRP A 71 1.84 26.43 -6.96
N GLU A 72 2.12 27.75 -6.86
CA GLU A 72 3.50 28.26 -6.93
C GLU A 72 4.29 27.88 -5.69
N MET A 73 3.63 28.00 -4.51
CA MET A 73 4.18 27.66 -3.20
C MET A 73 4.49 26.17 -3.08
N TRP A 74 3.58 25.34 -3.54
CA TRP A 74 3.71 23.88 -3.58
C TRP A 74 4.90 23.44 -4.42
N GLU A 75 5.02 24.04 -5.60
CA GLU A 75 6.08 23.80 -6.57
C GLU A 75 7.43 24.18 -5.97
N ARG A 76 7.49 25.33 -5.26
CA ARG A 76 8.73 25.78 -4.61
C ARG A 76 9.10 24.83 -3.50
N CYS A 77 8.12 24.44 -2.65
CA CYS A 77 8.30 23.55 -1.52
C CYS A 77 8.66 22.11 -1.91
N ALA A 78 8.04 21.56 -2.98
CA ALA A 78 8.36 20.26 -3.56
C ALA A 78 9.76 20.29 -4.09
N HIS A 79 10.22 21.42 -4.63
CA HIS A 79 11.58 21.56 -5.14
C HIS A 79 12.61 21.56 -4.00
N HIS A 80 12.37 22.33 -2.93
CA HIS A 80 13.30 22.36 -1.78
C HIS A 80 13.36 21.04 -1.03
N LEU A 81 12.22 20.33 -0.99
CA LEU A 81 12.14 19.03 -0.36
C LEU A 81 12.91 18.01 -1.21
N THR A 82 12.72 18.04 -2.55
CA THR A 82 13.46 17.16 -3.45
C THR A 82 14.97 17.38 -3.31
N GLU A 83 15.42 18.63 -3.16
CA GLU A 83 16.84 18.95 -2.94
C GLU A 83 17.35 18.23 -1.69
N ALA A 84 16.63 18.37 -0.55
CA ALA A 84 16.96 17.74 0.73
C ALA A 84 17.02 16.23 0.60
N ILE A 85 16.03 15.61 -0.05
CA ILE A 85 15.97 14.16 -0.28
C ILE A 85 17.21 13.66 -1.01
N GLN A 86 17.63 14.39 -2.03
CA GLN A 86 18.81 14.06 -2.81
C GLN A 86 20.03 13.83 -1.93
N TYR A 87 20.21 14.67 -0.91
CA TYR A 87 21.32 14.55 0.04
C TYR A 87 21.13 13.36 1.01
N VAL A 88 19.87 13.04 1.35
CA VAL A 88 19.53 11.92 2.23
C VAL A 88 19.88 10.61 1.49
N VAL A 89 19.64 10.54 0.16
CA VAL A 89 19.98 9.39 -0.69
C VAL A 89 21.50 9.20 -0.62
N GLU A 90 22.26 10.29 -0.78
CA GLU A 90 23.71 10.30 -0.64
C GLU A 90 24.16 9.83 0.76
N PHE A 91 23.44 10.25 1.84
CA PHE A 91 23.73 9.82 3.21
C PHE A 91 23.58 8.31 3.30
N ALA A 92 22.50 7.76 2.70
CA ALA A 92 22.20 6.32 2.68
C ALA A 92 23.28 5.56 1.93
N LYS A 93 23.72 6.06 0.76
CA LYS A 93 24.76 5.45 -0.06
C LYS A 93 26.05 5.31 0.71
N ARG A 94 26.44 6.35 1.48
CA ARG A 94 27.66 6.39 2.32
C ARG A 94 27.51 5.66 3.66
N LEU A 95 26.30 5.31 4.04
CA LEU A 95 26.01 4.67 5.31
C LEU A 95 26.45 3.21 5.27
N SER A 96 27.37 2.84 6.17
CA SER A 96 27.97 1.51 6.33
C SER A 96 26.93 0.38 6.42
N GLY A 97 26.91 -0.47 5.40
CA GLY A 97 26.00 -1.61 5.33
C GLY A 97 24.79 -1.42 4.45
N PHE A 98 24.44 -0.15 4.10
CA PHE A 98 23.27 0.13 3.28
C PHE A 98 23.37 -0.41 1.86
N MET A 99 24.54 -0.23 1.21
CA MET A 99 24.76 -0.69 -0.17
C MET A 99 24.86 -2.23 -0.28
N GLU A 100 25.11 -2.91 0.86
CA GLU A 100 25.16 -4.37 0.95
C GLU A 100 23.75 -4.95 0.98
N LEU A 101 22.74 -4.09 1.21
CA LEU A 101 21.33 -4.51 1.22
C LEU A 101 20.90 -4.64 -0.23
N CYS A 102 19.88 -5.47 -0.49
CA CYS A 102 19.40 -5.64 -1.86
C CYS A 102 18.65 -4.40 -2.33
N GLN A 103 18.72 -4.11 -3.64
CA GLN A 103 18.09 -2.94 -4.25
C GLN A 103 16.60 -2.77 -3.84
N ASN A 104 15.83 -3.89 -3.65
CA ASN A 104 14.43 -3.79 -3.19
C ASN A 104 14.42 -3.12 -1.81
N ASP A 105 15.20 -3.68 -0.86
CA ASP A 105 15.28 -3.18 0.52
C ASP A 105 15.77 -1.71 0.57
N GLN A 106 16.74 -1.36 -0.32
CA GLN A 106 17.27 0.01 -0.45
C GLN A 106 16.12 0.99 -0.81
N ILE A 107 15.24 0.60 -1.74
CA ILE A 107 14.10 1.37 -2.20
C ILE A 107 13.04 1.44 -1.12
N VAL A 108 12.75 0.31 -0.47
CA VAL A 108 11.76 0.21 0.60
C VAL A 108 12.14 1.19 1.71
N LEU A 109 13.40 1.09 2.21
CA LEU A 109 13.92 1.93 3.27
C LEU A 109 13.94 3.41 2.93
N LEU A 110 14.41 3.79 1.74
CA LEU A 110 14.42 5.21 1.31
C LEU A 110 13.02 5.76 1.06
N LYS A 111 12.16 4.98 0.35
CA LYS A 111 10.77 5.38 0.07
C LYS A 111 10.00 5.78 1.34
N ALA A 112 10.33 5.15 2.45
CA ALA A 112 9.67 5.37 3.71
C ALA A 112 10.45 6.28 4.72
N GLY A 113 11.78 6.27 4.64
CA GLY A 113 12.60 7.00 5.60
C GLY A 113 13.18 8.32 5.19
N ALA A 114 13.40 8.53 3.88
CA ALA A 114 14.00 9.77 3.36
C ALA A 114 13.29 11.05 3.86
N MET A 115 11.94 11.08 3.82
CA MET A 115 11.17 12.24 4.31
C MET A 115 11.38 12.39 5.80
N GLU A 116 11.34 11.27 6.54
CA GLU A 116 11.56 11.27 7.98
C GLU A 116 12.93 11.84 8.36
N VAL A 117 14.00 11.47 7.62
CA VAL A 117 15.36 11.99 7.82
C VAL A 117 15.37 13.49 7.54
N VAL A 118 14.65 13.96 6.49
CA VAL A 118 14.56 15.38 6.17
C VAL A 118 13.95 16.14 7.33
N LEU A 119 12.81 15.65 7.85
CA LEU A 119 12.10 16.21 9.01
C LEU A 119 12.98 16.31 10.26
N VAL A 120 13.86 15.33 10.49
CA VAL A 120 14.78 15.37 11.64
C VAL A 120 15.91 16.40 11.38
N ARG A 121 16.50 16.41 10.16
CA ARG A 121 17.55 17.32 9.69
C ARG A 121 17.10 18.79 9.73
N MET A 122 15.81 19.01 9.54
CA MET A 122 15.10 20.28 9.52
C MET A 122 15.24 21.13 10.79
N CYS A 123 15.37 20.50 11.98
CA CYS A 123 15.47 21.22 13.25
C CYS A 123 16.71 22.16 13.29
N ARG A 124 17.77 21.81 12.56
CA ARG A 124 18.99 22.61 12.43
C ARG A 124 18.67 23.97 11.74
N ALA A 125 17.64 24.01 10.85
CA ALA A 125 17.21 25.21 10.13
C ALA A 125 16.05 25.91 10.86
N TYR A 126 15.76 25.47 12.11
CA TYR A 126 14.70 26.00 12.96
C TYR A 126 15.29 26.77 14.13
N ASN A 127 14.81 28.00 14.31
CA ASN A 127 15.20 28.87 15.42
C ASN A 127 14.08 28.83 16.45
N ALA A 128 14.36 28.23 17.63
CA ALA A 128 13.39 28.10 18.73
C ALA A 128 13.14 29.39 19.49
N ASP A 129 14.14 30.35 19.51
CA ASP A 129 14.07 31.68 20.16
C ASP A 129 12.86 32.46 19.65
N ASN A 130 12.80 32.72 18.33
CA ASN A 130 11.59 33.24 17.70
C ASN A 130 10.93 31.95 17.25
N ARG A 131 10.03 31.93 16.28
CA ARG A 131 9.60 30.57 15.90
C ARG A 131 9.72 30.50 14.40
N THR A 132 10.98 30.70 13.93
CA THR A 132 11.31 30.79 12.50
C THR A 132 12.14 29.64 11.96
N VAL A 133 12.04 29.48 10.64
CA VAL A 133 12.72 28.47 9.87
C VAL A 133 13.46 29.12 8.68
N PHE A 134 14.65 28.59 8.33
CA PHE A 134 15.42 29.12 7.20
C PHE A 134 14.76 28.62 5.91
N PHE A 135 14.27 29.54 5.08
CA PHE A 135 13.61 29.19 3.82
C PHE A 135 13.95 30.22 2.76
N GLU A 136 14.48 29.77 1.61
CA GLU A 136 14.82 30.59 0.46
C GLU A 136 15.67 31.85 0.81
N GLY A 137 16.72 31.65 1.60
CA GLY A 137 17.68 32.69 1.92
C GLY A 137 17.58 33.39 3.26
N LYS A 138 16.37 33.50 3.82
CA LYS A 138 16.14 34.19 5.09
C LYS A 138 15.30 33.35 6.03
N TYR A 139 15.20 33.80 7.31
CA TYR A 139 14.39 33.17 8.34
C TYR A 139 13.01 33.80 8.36
N GLY A 140 11.99 32.96 8.46
CA GLY A 140 10.60 33.37 8.53
C GLY A 140 9.75 32.36 9.29
N GLY A 141 8.65 32.85 9.86
CA GLY A 141 7.71 32.04 10.63
C GLY A 141 6.69 31.29 9.80
N MET A 142 5.68 30.71 10.46
CA MET A 142 4.60 29.95 9.79
C MET A 142 3.91 30.74 8.69
N GLU A 143 3.61 32.03 8.96
CA GLU A 143 2.87 32.93 8.07
C GLU A 143 3.38 32.90 6.61
N LEU A 144 4.70 32.72 6.44
CA LEU A 144 5.37 32.59 5.15
C LEU A 144 4.68 31.55 4.22
N PHE A 145 4.12 30.48 4.81
CA PHE A 145 3.55 29.33 4.10
C PHE A 145 2.02 29.29 3.97
N ARG A 146 1.35 30.44 4.22
CA ARG A 146 -0.11 30.59 4.21
C ARG A 146 -0.82 30.10 2.94
N ALA A 147 -0.22 30.36 1.77
CA ALA A 147 -0.78 30.03 0.46
C ALA A 147 -0.93 28.53 0.17
N LEU A 148 -0.21 27.68 0.92
CA LEU A 148 -0.19 26.23 0.73
C LEU A 148 -1.53 25.61 1.06
N GLY A 149 -2.25 26.27 1.95
CA GLY A 149 -3.56 25.83 2.40
C GLY A 149 -3.48 24.55 3.18
N CYS A 150 -2.38 24.35 3.93
CA CYS A 150 -2.22 23.19 4.76
C CYS A 150 -1.59 23.55 6.09
N SER A 151 -2.29 24.45 6.79
CA SER A 151 -1.97 25.03 8.10
C SER A 151 -1.67 24.01 9.20
N GLU A 152 -2.51 22.95 9.26
CA GLU A 152 -2.40 21.86 10.23
C GLU A 152 -1.03 21.17 10.08
N LEU A 153 -0.66 20.78 8.84
CA LEU A 153 0.63 20.17 8.49
C LEU A 153 1.81 21.09 8.86
N ILE A 154 1.71 22.40 8.50
CA ILE A 154 2.75 23.41 8.78
C ILE A 154 2.98 23.54 10.28
N SER A 155 1.85 23.49 11.04
CA SER A 155 1.83 23.58 12.50
C SER A 155 2.47 22.35 13.14
N SER A 156 2.20 21.16 12.59
CA SER A 156 2.74 19.87 13.00
C SER A 156 4.25 19.84 12.79
N ILE A 157 4.73 20.38 11.62
CA ILE A 157 6.16 20.48 11.24
C ILE A 157 6.91 21.41 12.19
N PHE A 158 6.36 22.61 12.44
CA PHE A 158 6.90 23.59 13.38
C PHE A 158 7.00 23.05 14.80
N ASP A 159 5.95 22.34 15.30
CA ASP A 159 5.95 21.74 16.66
C ASP A 159 6.99 20.64 16.74
N PHE A 160 7.06 19.79 15.69
CA PHE A 160 8.02 18.70 15.63
C PHE A 160 9.43 19.25 15.77
N SER A 161 9.77 20.28 14.96
CA SER A 161 11.11 20.89 15.03
C SER A 161 11.37 21.53 16.38
N HIS A 162 10.33 22.15 16.98
CA HIS A 162 10.37 22.81 18.27
C HIS A 162 10.71 21.80 19.36
N SER A 163 10.03 20.63 19.34
CA SER A 163 10.27 19.56 20.29
C SER A 163 11.68 18.97 20.17
N LEU A 164 12.25 18.93 18.96
CA LEU A 164 13.62 18.43 18.74
C LEU A 164 14.70 19.43 19.23
N SER A 165 14.41 20.75 19.11
CA SER A 165 15.27 21.87 19.54
C SER A 165 15.54 21.81 21.04
N ALA A 166 14.51 21.36 21.81
CA ALA A 166 14.52 21.16 23.24
C ALA A 166 15.60 20.17 23.65
N LEU A 167 15.81 19.08 22.87
CA LEU A 167 16.81 18.06 23.16
C LEU A 167 18.26 18.55 23.00
N HIS A 168 18.49 19.68 22.29
CA HIS A 168 19.81 20.30 22.07
C HIS A 168 20.84 19.32 21.48
N PHE A 169 20.44 18.62 20.43
CA PHE A 169 21.26 17.63 19.74
C PHE A 169 22.58 18.21 19.28
N SER A 170 23.61 17.38 19.32
CA SER A 170 24.91 17.68 18.76
C SER A 170 24.82 17.15 17.33
N GLU A 171 25.76 17.54 16.44
CA GLU A 171 25.72 17.07 15.05
C GLU A 171 25.89 15.56 14.96
N ASP A 172 26.69 14.98 15.89
CA ASP A 172 26.94 13.55 15.99
C ASP A 172 25.65 12.82 16.39
N GLU A 173 24.89 13.40 17.33
CA GLU A 173 23.62 12.83 17.78
C GLU A 173 22.59 12.77 16.64
N ILE A 174 22.49 13.83 15.79
CA ILE A 174 21.60 13.85 14.64
C ILE A 174 22.06 12.81 13.61
N ALA A 175 23.37 12.64 13.44
CA ALA A 175 23.99 11.67 12.52
C ALA A 175 23.55 10.25 12.90
N LEU A 176 23.77 9.86 14.17
CA LEU A 176 23.47 8.53 14.68
C LEU A 176 21.97 8.25 14.77
N TYR A 177 21.16 9.29 15.16
CA TYR A 177 19.71 9.17 15.22
C TYR A 177 19.06 8.99 13.81
N THR A 178 19.46 9.80 12.79
CA THR A 178 18.93 9.72 11.42
C THR A 178 19.30 8.41 10.71
N ALA A 179 20.49 7.86 11.05
CA ALA A 179 20.95 6.55 10.55
C ALA A 179 19.91 5.50 10.95
N LEU A 180 19.44 5.52 12.23
CA LEU A 180 18.42 4.60 12.74
C LEU A 180 16.99 4.87 12.18
N VAL A 181 16.61 6.15 12.02
CA VAL A 181 15.31 6.54 11.43
C VAL A 181 15.17 5.82 10.07
N LEU A 182 16.25 5.87 9.26
CA LEU A 182 16.36 5.23 7.98
C LEU A 182 16.47 3.69 8.06
N ILE A 183 17.43 3.15 8.85
CA ILE A 183 17.58 1.69 8.95
C ILE A 183 16.59 1.11 9.98
N ASN A 184 15.32 1.00 9.57
CA ASN A 184 14.20 0.49 10.37
C ASN A 184 13.75 -0.88 9.84
N ALA A 185 14.05 -1.95 10.60
CA ALA A 185 13.71 -3.31 10.21
C ALA A 185 12.18 -3.65 10.17
N HIS A 186 11.31 -2.76 10.69
CA HIS A 186 9.84 -2.93 10.73
C HIS A 186 9.12 -2.40 9.50
N ARG A 187 9.84 -1.99 8.43
CA ARG A 187 9.17 -1.45 7.24
C ARG A 187 8.53 -2.57 6.42
N PRO A 188 7.22 -2.42 6.10
CA PRO A 188 6.55 -3.45 5.29
C PRO A 188 7.19 -3.55 3.90
N GLY A 189 7.51 -4.76 3.47
CA GLY A 189 8.06 -5.03 2.14
C GLY A 189 9.50 -5.43 2.08
N LEU A 190 10.14 -5.55 3.24
CA LEU A 190 11.55 -5.94 3.32
C LEU A 190 11.72 -7.41 2.97
N GLN A 191 12.57 -7.70 1.98
CA GLN A 191 12.87 -9.07 1.53
C GLN A 191 13.82 -9.78 2.50
N GLU A 192 14.99 -9.16 2.78
CA GLU A 192 15.99 -9.68 3.71
C GLU A 192 15.87 -8.95 5.05
N LYS A 193 14.76 -9.18 5.78
CA LYS A 193 14.46 -8.57 7.08
C LYS A 193 15.60 -8.69 8.07
N ARG A 194 16.13 -9.94 8.23
CA ARG A 194 17.24 -10.28 9.15
C ARG A 194 18.51 -9.49 8.89
N LYS A 195 18.79 -9.23 7.60
CA LYS A 195 19.97 -8.46 7.18
C LYS A 195 19.84 -6.98 7.64
N VAL A 196 18.60 -6.42 7.59
CA VAL A 196 18.29 -5.05 8.02
C VAL A 196 18.33 -5.01 9.57
N GLU A 197 17.85 -6.09 10.24
CA GLU A 197 17.86 -6.25 11.70
C GLU A 197 19.28 -6.20 12.25
N GLN A 198 20.24 -6.86 11.60
CA GLN A 198 21.62 -6.83 12.08
C GLN A 198 22.27 -5.44 11.88
N LEU A 199 21.92 -4.74 10.78
CA LEU A 199 22.43 -3.41 10.50
C LEU A 199 21.82 -2.42 11.53
N GLN A 200 20.49 -2.58 11.80
CA GLN A 200 19.79 -1.76 12.78
C GLN A 200 20.45 -1.94 14.14
N TYR A 201 20.66 -3.21 14.59
CA TYR A 201 21.28 -3.55 15.88
C TYR A 201 22.63 -2.89 16.09
N ASN A 202 23.49 -2.96 15.08
CA ASN A 202 24.83 -2.36 15.14
C ASN A 202 24.78 -0.83 15.20
N LEU A 203 23.81 -0.23 14.49
CA LEU A 203 23.66 1.22 14.49
C LEU A 203 23.07 1.70 15.82
N GLU A 204 22.16 0.91 16.40
CA GLU A 204 21.57 1.17 17.73
C GLU A 204 22.67 1.13 18.80
N LEU A 205 23.59 0.14 18.73
CA LEU A 205 24.75 0.03 19.61
C LEU A 205 25.64 1.26 19.48
N ALA A 206 25.98 1.65 18.24
CA ALA A 206 26.80 2.83 17.93
C ALA A 206 26.22 4.06 18.58
N PHE A 207 24.91 4.33 18.38
CA PHE A 207 24.16 5.46 18.99
C PHE A 207 24.25 5.43 20.52
N HIS A 208 23.85 4.29 21.11
CA HIS A 208 23.84 4.06 22.55
C HIS A 208 25.22 4.14 23.17
N HIS A 209 26.28 3.64 22.49
CA HIS A 209 27.66 3.71 22.97
C HIS A 209 28.11 5.18 23.04
N HIS A 210 27.89 5.93 21.96
CA HIS A 210 28.22 7.34 21.90
C HIS A 210 27.43 8.12 22.96
N LEU A 211 26.13 7.77 23.18
CA LEU A 211 25.33 8.45 24.20
C LEU A 211 25.91 8.24 25.62
N CYS A 212 26.24 6.99 25.94
CA CYS A 212 26.89 6.51 27.15
C CYS A 212 28.21 7.31 27.43
N LYS A 213 29.15 7.28 26.47
CA LYS A 213 30.46 7.96 26.51
C LYS A 213 30.34 9.45 26.72
N THR A 214 29.30 10.10 26.13
CA THR A 214 29.08 11.55 26.20
C THR A 214 28.16 11.98 27.34
N HIS A 215 27.64 11.01 28.13
CA HIS A 215 26.71 11.20 29.26
C HIS A 215 25.37 11.78 28.81
N ARG A 216 24.87 11.31 27.66
CA ARG A 216 23.63 11.83 27.09
C ARG A 216 22.56 10.78 26.90
N GLN A 217 22.61 9.67 27.70
CA GLN A 217 21.62 8.58 27.67
C GLN A 217 20.21 9.12 27.93
N SER A 218 20.09 10.16 28.77
CA SER A 218 18.84 10.85 29.15
C SER A 218 17.91 11.25 27.97
N ILE A 219 18.49 11.58 26.81
CA ILE A 219 17.73 12.01 25.63
C ILE A 219 16.86 10.86 25.03
N LEU A 220 17.22 9.58 25.27
CA LEU A 220 16.49 8.42 24.76
C LEU A 220 15.02 8.45 25.07
N ALA A 221 14.65 8.73 26.36
CA ALA A 221 13.26 8.78 26.79
C ALA A 221 12.55 10.01 26.24
N LYS A 222 13.31 11.12 26.06
CA LYS A 222 12.87 12.42 25.53
C LYS A 222 12.67 12.43 24.00
N LEU A 223 13.16 11.42 23.25
CA LEU A 223 13.02 11.38 21.78
C LEU A 223 11.57 11.22 21.36
N PRO A 224 11.15 11.83 20.22
CA PRO A 224 9.73 11.73 19.79
C PRO A 224 9.30 10.31 19.43
N PRO A 225 8.04 9.93 19.74
CA PRO A 225 7.59 8.58 19.39
C PRO A 225 7.58 8.36 17.89
N LYS A 226 7.82 7.11 17.44
CA LYS A 226 7.83 6.73 16.02
C LYS A 226 6.53 7.09 15.30
N GLY A 227 5.45 7.29 16.07
CA GLY A 227 4.14 7.67 15.55
C GLY A 227 4.04 9.11 15.09
N LYS A 228 4.87 10.00 15.67
CA LYS A 228 4.85 11.41 15.31
C LYS A 228 5.44 11.68 13.90
N LEU A 229 6.55 10.98 13.54
CA LEU A 229 7.18 11.08 12.21
C LEU A 229 6.28 10.44 11.14
N ARG A 230 5.67 9.30 11.47
CA ARG A 230 4.73 8.57 10.61
C ARG A 230 3.54 9.47 10.24
N SER A 231 2.98 10.21 11.21
CA SER A 231 1.85 11.09 11.00
C SER A 231 2.22 12.24 10.07
N LEU A 232 3.39 12.91 10.32
CA LEU A 232 3.86 13.99 9.45
C LEU A 232 3.90 13.57 7.97
N CYS A 233 4.41 12.37 7.71
CA CYS A 233 4.52 11.83 6.35
C CYS A 233 3.18 11.53 5.75
N SER A 234 2.31 10.90 6.57
CA SER A 234 0.94 10.55 6.21
C SER A 234 0.17 11.83 5.81
N GLN A 235 0.28 12.89 6.65
CA GLN A 235 -0.33 14.18 6.45
C GLN A 235 0.15 14.79 5.15
N HIS A 236 1.47 14.73 4.90
CA HIS A 236 2.06 15.26 3.70
C HIS A 236 1.46 14.59 2.45
N VAL A 237 1.35 13.26 2.46
CA VAL A 237 0.77 12.49 1.37
C VAL A 237 -0.72 12.84 1.17
N GLU A 238 -1.45 13.02 2.28
CA GLU A 238 -2.85 13.44 2.28
C GLU A 238 -3.02 14.81 1.59
N ARG A 239 -2.30 15.81 2.09
CA ARG A 239 -2.34 17.17 1.58
C ARG A 239 -1.91 17.29 0.11
N LEU A 240 -0.94 16.46 -0.32
CA LEU A 240 -0.45 16.41 -1.70
C LEU A 240 -1.54 15.91 -2.64
N GLN A 241 -2.26 14.86 -2.25
CA GLN A 241 -3.36 14.28 -3.02
C GLN A 241 -4.52 15.32 -3.19
N ILE A 242 -4.73 16.23 -2.20
CA ILE A 242 -5.74 17.27 -2.29
C ILE A 242 -5.26 18.24 -3.37
N PHE A 243 -4.01 18.71 -3.25
CA PHE A 243 -3.38 19.62 -4.20
C PHE A 243 -3.37 19.06 -5.64
N GLN A 244 -3.06 17.75 -5.82
CA GLN A 244 -3.03 17.07 -7.11
C GLN A 244 -4.44 17.01 -7.74
N HIS A 245 -5.49 17.00 -6.91
CA HIS A 245 -6.86 16.98 -7.39
C HIS A 245 -7.22 18.36 -7.98
N LEU A 246 -6.86 19.44 -7.29
CA LEU A 246 -7.10 20.81 -7.76
C LEU A 246 -6.21 21.19 -8.95
N HIS A 247 -4.89 20.94 -8.85
CA HIS A 247 -3.93 21.27 -9.91
C HIS A 247 -3.15 20.01 -10.35
N PRO A 248 -3.76 19.08 -11.13
CA PRO A 248 -3.04 17.85 -11.52
C PRO A 248 -1.96 18.00 -12.58
N ILE A 249 -2.03 19.09 -13.35
CA ILE A 249 -1.05 19.29 -14.42
C ILE A 249 0.13 20.07 -13.85
N VAL A 250 -0.06 20.75 -12.71
CA VAL A 250 1.03 21.45 -12.02
C VAL A 250 1.95 20.35 -11.53
N VAL A 251 1.37 19.28 -10.95
CA VAL A 251 2.09 18.08 -10.51
C VAL A 251 2.80 17.39 -11.71
N GLN A 252 2.05 17.14 -12.83
CA GLN A 252 2.57 16.50 -14.04
C GLN A 252 3.70 17.30 -14.70
N ALA A 253 3.53 18.64 -14.80
CA ALA A 253 4.46 19.53 -15.48
C ALA A 253 5.58 20.15 -14.65
N ALA A 254 5.27 20.65 -13.46
CA ALA A 254 6.21 21.45 -12.66
C ALA A 254 6.71 20.83 -11.34
N PHE A 255 6.32 19.57 -11.03
CA PHE A 255 6.83 18.91 -9.80
C PHE A 255 8.02 18.03 -10.14
N PRO A 256 9.05 17.99 -9.26
CA PRO A 256 10.22 17.14 -9.56
C PRO A 256 9.83 15.68 -9.71
N PRO A 257 10.38 14.97 -10.73
CA PRO A 257 10.04 13.53 -10.91
C PRO A 257 10.35 12.65 -9.70
N LEU A 258 11.48 12.89 -8.99
CA LEU A 258 11.79 12.13 -7.79
C LEU A 258 10.69 12.29 -6.71
N TYR A 259 10.13 13.51 -6.55
CA TYR A 259 9.03 13.83 -5.63
C TYR A 259 7.78 13.05 -6.02
N LYS A 260 7.44 13.04 -7.33
CA LYS A 260 6.25 12.32 -7.82
C LYS A 260 6.42 10.82 -7.55
N GLU A 261 7.59 10.27 -7.86
CA GLU A 261 7.94 8.87 -7.64
C GLU A 261 7.69 8.42 -6.17
N LEU A 262 8.29 9.14 -5.17
CA LEU A 262 8.17 8.84 -3.73
C LEU A 262 6.81 9.15 -3.10
N PHE A 263 6.03 10.17 -3.61
CA PHE A 263 4.82 10.61 -2.92
C PHE A 263 3.48 10.67 -3.71
N SER A 264 3.47 10.66 -5.06
CA SER A 264 2.24 10.86 -5.86
C SER A 264 1.08 9.85 -5.62
N THR A 265 1.27 8.55 -5.99
CA THR A 265 0.32 7.42 -5.91
C THR A 265 -1.14 7.85 -6.28
N THR A 273 13.04 -2.42 -7.77
CA THR A 273 13.49 -1.56 -8.87
C THR A 273 12.28 -0.94 -9.64
N GLU A 274 11.24 -1.77 -9.83
CA GLU A 274 9.88 -1.60 -10.41
C GLU A 274 9.46 -0.14 -10.80
N ARG A 275 8.58 0.46 -9.95
CA ARG A 275 7.96 1.77 -10.02
C ARG A 275 8.87 2.89 -9.43
N HIS A 276 10.20 2.63 -9.29
CA HIS A 276 11.11 3.64 -8.74
C HIS A 276 12.40 3.77 -9.57
N LYS A 277 12.22 4.15 -10.86
CA LYS A 277 13.29 4.31 -11.84
C LYS A 277 14.32 5.37 -11.46
N ILE A 278 13.86 6.55 -10.94
CA ILE A 278 14.72 7.68 -10.52
C ILE A 278 15.61 7.27 -9.33
N LEU A 279 14.95 6.74 -8.27
CA LEU A 279 15.60 6.28 -7.04
C LEU A 279 16.66 5.26 -7.38
N HIS A 280 16.34 4.30 -8.29
CA HIS A 280 17.26 3.26 -8.79
C HIS A 280 18.49 3.87 -9.47
N ARG A 281 18.27 4.80 -10.44
CA ARG A 281 19.34 5.50 -11.13
C ARG A 281 20.24 6.21 -10.10
N LEU A 282 19.62 6.94 -9.10
CA LEU A 282 20.39 7.64 -8.06
C LEU A 282 21.28 6.67 -7.27
N LEU A 283 20.74 5.48 -6.96
CA LEU A 283 21.46 4.44 -6.23
C LEU A 283 22.59 3.81 -7.08
N GLN A 284 22.33 3.56 -8.36
CA GLN A 284 23.29 3.00 -9.32
C GLN A 284 24.11 4.18 -9.87
N GLU A 285 25.02 4.74 -9.05
CA GLU A 285 25.84 5.91 -9.44
C GLU A 285 27.18 5.90 -8.69
N ALA B 22 4.80 -28.13 7.74
CA ALA B 22 4.86 -28.92 8.96
C ALA B 22 5.43 -28.17 10.19
N SER B 23 6.54 -27.40 10.06
CA SER B 23 7.10 -26.65 11.19
C SER B 23 6.33 -25.32 11.40
N LEU B 24 6.50 -24.66 12.57
CA LEU B 24 5.86 -23.38 12.86
C LEU B 24 6.39 -22.28 11.91
N THR B 25 7.69 -22.34 11.57
CA THR B 25 8.38 -21.40 10.67
C THR B 25 7.91 -21.61 9.22
N GLU B 26 7.62 -22.87 8.81
CA GLU B 26 7.09 -23.20 7.49
C GLU B 26 5.68 -22.59 7.32
N ILE B 27 4.85 -22.65 8.39
CA ILE B 27 3.50 -22.09 8.47
C ILE B 27 3.60 -20.56 8.40
N GLU B 28 4.48 -19.95 9.22
CA GLU B 28 4.68 -18.49 9.21
C GLU B 28 5.13 -17.96 7.86
N HIS B 29 6.02 -18.71 7.17
CA HIS B 29 6.51 -18.41 5.84
C HIS B 29 5.36 -18.53 4.79
N LEU B 30 4.48 -19.54 4.97
CA LEU B 30 3.30 -19.79 4.11
C LEU B 30 2.26 -18.66 4.26
N VAL B 31 2.08 -18.13 5.49
CA VAL B 31 1.18 -17.00 5.79
C VAL B 31 1.70 -15.82 4.97
N GLN B 32 3.00 -15.53 5.08
CA GLN B 32 3.67 -14.44 4.32
C GLN B 32 3.48 -14.59 2.80
N SER B 33 3.63 -15.83 2.32
CA SER B 33 3.51 -16.19 0.90
C SER B 33 2.10 -15.92 0.34
N VAL B 34 1.06 -16.43 1.01
CA VAL B 34 -0.35 -16.29 0.61
C VAL B 34 -0.75 -14.81 0.53
N CYS B 35 -0.34 -14.03 1.53
CA CYS B 35 -0.62 -12.59 1.59
C CYS B 35 0.03 -11.83 0.45
N LYS B 36 1.28 -12.20 0.12
CA LYS B 36 2.06 -11.62 -0.97
C LYS B 36 1.37 -11.93 -2.28
N SER B 37 1.01 -13.22 -2.53
CA SER B 37 0.32 -13.68 -3.76
C SER B 37 -0.97 -12.90 -3.97
N TYR B 38 -1.74 -12.70 -2.89
CA TYR B 38 -2.99 -11.96 -2.90
C TYR B 38 -2.77 -10.48 -3.25
N ARG B 39 -1.90 -9.78 -2.50
CA ARG B 39 -1.61 -8.36 -2.74
C ARG B 39 -1.25 -8.10 -4.21
N GLU B 40 -0.38 -8.96 -4.75
CA GLU B 40 0.11 -8.94 -6.11
C GLU B 40 -0.94 -9.22 -7.16
N THR B 41 -2.02 -9.99 -6.82
CA THR B 41 -3.01 -10.40 -7.81
C THR B 41 -4.42 -9.81 -7.62
N CYS B 42 -4.54 -8.65 -6.99
CA CYS B 42 -5.83 -7.97 -6.86
C CYS B 42 -6.05 -7.08 -8.08
N GLN B 43 -7.21 -7.20 -8.72
CA GLN B 43 -7.57 -6.40 -9.90
C GLN B 43 -7.52 -4.90 -9.57
N LEU B 44 -7.94 -4.52 -8.33
CA LEU B 44 -8.01 -3.15 -7.83
C LEU B 44 -7.35 -3.01 -6.44
N ARG B 45 -6.70 -1.85 -6.17
CA ARG B 45 -6.08 -1.55 -4.88
C ARG B 45 -7.21 -1.12 -3.92
N LEU B 46 -7.15 -1.58 -2.63
CA LEU B 46 -8.19 -1.26 -1.64
C LEU B 46 -8.23 0.23 -1.35
N GLU B 47 -7.03 0.84 -1.17
CA GLU B 47 -6.83 2.27 -0.91
C GLU B 47 -7.58 3.12 -1.96
N ASP B 48 -7.46 2.75 -3.26
CA ASP B 48 -8.13 3.42 -4.39
C ASP B 48 -9.64 3.20 -4.38
N LEU B 49 -10.09 2.02 -3.93
CA LEU B 49 -11.53 1.72 -3.84
C LEU B 49 -12.16 2.60 -2.77
N LEU B 50 -11.44 2.77 -1.62
CA LEU B 50 -11.90 3.58 -0.49
C LEU B 50 -11.92 5.09 -0.81
N ARG B 51 -10.95 5.59 -1.61
CA ARG B 51 -10.91 6.98 -2.06
C ARG B 51 -12.12 7.30 -2.96
N GLN B 52 -12.49 6.34 -3.84
CA GLN B 52 -13.58 6.53 -4.78
C GLN B 52 -14.98 6.42 -4.15
N ARG B 53 -15.11 6.09 -2.83
CA ARG B 53 -16.41 5.94 -2.16
C ARG B 53 -17.37 7.09 -2.38
N SER B 54 -16.85 8.34 -2.35
CA SER B 54 -17.62 9.58 -2.56
C SER B 54 -18.18 9.67 -4.00
N ASN B 55 -17.39 9.17 -5.00
CA ASN B 55 -17.73 9.12 -6.44
C ASN B 55 -18.91 8.18 -6.71
N ILE B 56 -20.14 8.70 -6.47
CA ILE B 56 -21.41 7.98 -6.61
C ILE B 56 -22.12 8.39 -7.89
N PHE B 57 -22.66 7.40 -8.63
CA PHE B 57 -23.42 7.62 -9.86
C PHE B 57 -24.60 8.56 -9.64
N SER B 58 -24.77 9.52 -10.55
CA SER B 58 -25.88 10.49 -10.54
C SER B 58 -27.17 9.76 -10.92
N ARG B 59 -28.34 10.33 -10.61
CA ARG B 59 -29.64 9.74 -10.96
C ARG B 59 -29.79 9.48 -12.48
N GLU B 60 -29.20 10.38 -13.33
CA GLU B 60 -29.20 10.38 -14.81
C GLU B 60 -28.44 9.19 -15.33
N GLU B 61 -27.21 8.99 -14.81
CA GLU B 61 -26.31 7.88 -15.11
C GLU B 61 -26.99 6.55 -14.73
N VAL B 62 -27.72 6.49 -13.59
CA VAL B 62 -28.45 5.32 -13.09
C VAL B 62 -29.60 5.00 -14.05
N THR B 63 -30.29 6.04 -14.53
CA THR B 63 -31.37 5.93 -15.50
C THR B 63 -30.81 5.36 -16.80
N GLY B 64 -29.60 5.80 -17.15
CA GLY B 64 -28.86 5.35 -18.33
C GLY B 64 -28.67 3.85 -18.33
N TYR B 65 -28.18 3.31 -17.18
CA TYR B 65 -27.96 1.89 -16.98
C TYR B 65 -29.25 1.10 -17.00
N GLN B 66 -30.31 1.67 -16.39
CA GLN B 66 -31.65 1.09 -16.28
C GLN B 66 -32.36 1.00 -17.64
N ARG B 67 -32.01 1.92 -18.57
CA ARG B 67 -32.57 2.00 -19.93
C ARG B 67 -31.81 1.14 -20.96
N LYS B 68 -30.61 0.61 -20.58
CA LYS B 68 -29.82 -0.29 -21.42
C LYS B 68 -30.53 -1.63 -21.58
N SER B 69 -30.32 -2.30 -22.74
CA SER B 69 -30.90 -3.62 -23.03
C SER B 69 -30.43 -4.66 -22.01
N MET B 70 -31.21 -5.76 -21.85
CA MET B 70 -30.88 -6.85 -20.94
C MET B 70 -29.56 -7.45 -21.38
N TRP B 71 -29.47 -7.75 -22.66
CA TRP B 71 -28.33 -8.39 -23.26
C TRP B 71 -27.06 -7.51 -23.23
N GLU B 72 -27.20 -6.16 -23.23
CA GLU B 72 -26.04 -5.25 -23.14
C GLU B 72 -25.44 -5.30 -21.74
N MET B 73 -26.33 -5.33 -20.71
CA MET B 73 -25.97 -5.40 -19.30
C MET B 73 -25.25 -6.70 -18.95
N TRP B 74 -25.78 -7.82 -19.47
CA TRP B 74 -25.21 -9.15 -19.32
C TRP B 74 -23.80 -9.24 -19.88
N GLU B 75 -23.64 -8.69 -21.08
CA GLU B 75 -22.39 -8.64 -21.82
C GLU B 75 -21.35 -7.82 -21.04
N ARG B 76 -21.77 -6.67 -20.48
CA ARG B 76 -20.87 -5.83 -19.68
C ARG B 76 -20.47 -6.57 -18.41
N CYS B 77 -21.45 -7.18 -17.72
CA CYS B 77 -21.20 -7.89 -16.46
C CYS B 77 -20.35 -9.13 -16.65
N ALA B 78 -20.60 -9.93 -17.72
CA ALA B 78 -19.80 -11.10 -18.08
C ALA B 78 -18.38 -10.66 -18.36
N HIS B 79 -18.19 -9.49 -18.94
CA HIS B 79 -16.86 -8.95 -19.24
C HIS B 79 -16.12 -8.58 -17.95
N HIS B 80 -16.77 -7.84 -17.01
CA HIS B 80 -16.15 -7.48 -15.73
C HIS B 80 -15.87 -8.66 -14.84
N LEU B 81 -16.72 -9.69 -14.91
CA LEU B 81 -16.55 -10.92 -14.16
C LEU B 81 -15.37 -11.70 -14.75
N THR B 82 -15.29 -11.79 -16.09
CA THR B 82 -14.15 -12.48 -16.73
C THR B 82 -12.83 -11.80 -16.34
N GLU B 83 -12.80 -10.44 -16.28
CA GLU B 83 -11.62 -9.70 -15.84
C GLU B 83 -11.19 -10.14 -14.43
N ALA B 84 -12.14 -10.17 -13.48
CA ALA B 84 -11.91 -10.58 -12.08
C ALA B 84 -11.39 -12.02 -12.00
N ILE B 85 -12.01 -12.95 -12.77
CA ILE B 85 -11.59 -14.34 -12.80
C ILE B 85 -10.13 -14.48 -13.24
N GLN B 86 -9.74 -13.72 -14.27
CA GLN B 86 -8.37 -13.68 -14.76
C GLN B 86 -7.36 -13.44 -13.64
N TYR B 87 -7.68 -12.54 -12.68
CA TYR B 87 -6.81 -12.28 -11.51
C TYR B 87 -6.81 -13.39 -10.49
N VAL B 88 -7.92 -14.11 -10.39
CA VAL B 88 -8.07 -15.23 -9.48
C VAL B 88 -7.17 -16.38 -9.97
N VAL B 89 -7.12 -16.59 -11.32
CA VAL B 89 -6.27 -17.61 -11.95
C VAL B 89 -4.81 -17.28 -11.62
N GLU B 90 -4.42 -16.00 -11.76
CA GLU B 90 -3.10 -15.51 -11.37
C GLU B 90 -2.80 -15.76 -9.88
N PHE B 91 -3.80 -15.54 -9.00
CA PHE B 91 -3.67 -15.78 -7.56
C PHE B 91 -3.35 -17.25 -7.34
N ALA B 92 -4.08 -18.15 -8.05
CA ALA B 92 -3.89 -19.60 -7.96
C ALA B 92 -2.50 -20.01 -8.43
N LYS B 93 -2.03 -19.43 -9.56
CA LYS B 93 -0.70 -19.70 -10.12
C LYS B 93 0.40 -19.37 -9.12
N ARG B 94 0.27 -18.23 -8.42
CA ARG B 94 1.23 -17.78 -7.40
C ARG B 94 1.05 -18.46 -6.03
N LEU B 95 -0.04 -19.18 -5.83
CA LEU B 95 -0.36 -19.84 -4.57
C LEU B 95 0.51 -21.09 -4.38
N SER B 96 1.30 -21.08 -3.29
CA SER B 96 2.25 -22.15 -2.94
C SER B 96 1.61 -23.55 -2.92
N GLY B 97 2.07 -24.41 -3.83
CA GLY B 97 1.59 -25.79 -3.94
C GLY B 97 0.58 -26.03 -5.04
N PHE B 98 -0.03 -24.95 -5.57
CA PHE B 98 -1.06 -25.07 -6.60
C PHE B 98 -0.52 -25.59 -7.93
N MET B 99 0.64 -25.07 -8.37
CA MET B 99 1.26 -25.47 -9.63
C MET B 99 1.85 -26.91 -9.59
N GLU B 100 2.06 -27.45 -8.38
CA GLU B 100 2.53 -28.81 -8.16
C GLU B 100 1.37 -29.80 -8.33
N LEU B 101 0.11 -29.29 -8.37
CA LEU B 101 -1.07 -30.14 -8.57
C LEU B 101 -1.15 -30.44 -10.05
N CYS B 102 -1.82 -31.54 -10.42
CA CYS B 102 -1.96 -31.89 -11.83
C CYS B 102 -2.96 -30.95 -12.52
N GLN B 103 -2.76 -30.69 -13.82
CA GLN B 103 -3.61 -29.80 -14.62
C GLN B 103 -5.13 -30.09 -14.47
N ASN B 104 -5.53 -31.39 -14.31
CA ASN B 104 -6.94 -31.73 -14.11
C ASN B 104 -7.41 -31.08 -12.82
N ASP B 105 -6.69 -31.34 -11.69
CA ASP B 105 -7.02 -30.80 -10.37
C ASP B 105 -7.01 -29.26 -10.36
N GLN B 106 -6.07 -28.63 -11.11
CA GLN B 106 -5.97 -27.19 -11.26
C GLN B 106 -7.28 -26.63 -11.86
N ILE B 107 -7.79 -27.27 -12.92
CA ILE B 107 -9.03 -26.90 -13.62
C ILE B 107 -10.25 -27.25 -12.76
N VAL B 108 -10.23 -28.34 -12.02
CA VAL B 108 -11.33 -28.75 -11.17
C VAL B 108 -11.53 -27.66 -10.12
N LEU B 109 -10.42 -27.31 -9.38
CA LEU B 109 -10.40 -26.33 -8.28
C LEU B 109 -10.85 -24.97 -8.74
N LEU B 110 -10.34 -24.50 -9.90
CA LEU B 110 -10.69 -23.21 -10.47
C LEU B 110 -12.09 -23.18 -11.08
N LYS B 111 -12.55 -24.28 -11.72
CA LYS B 111 -13.88 -24.32 -12.32
C LYS B 111 -14.99 -24.13 -11.26
N ALA B 112 -14.76 -24.55 -10.02
CA ALA B 112 -15.71 -24.45 -8.91
C ALA B 112 -15.47 -23.25 -7.97
N GLY B 113 -14.18 -22.92 -7.73
CA GLY B 113 -13.78 -21.88 -6.80
C GLY B 113 -13.61 -20.47 -7.32
N ALA B 114 -13.12 -20.29 -8.56
CA ALA B 114 -12.84 -18.94 -9.11
C ALA B 114 -13.97 -17.92 -8.88
N MET B 115 -15.25 -18.30 -9.16
CA MET B 115 -16.40 -17.42 -8.94
C MET B 115 -16.54 -17.14 -7.46
N GLU B 116 -16.40 -18.17 -6.62
CA GLU B 116 -16.48 -18.03 -5.19
C GLU B 116 -15.45 -17.05 -4.64
N VAL B 117 -14.19 -17.09 -5.14
CA VAL B 117 -13.10 -16.17 -4.76
C VAL B 117 -13.49 -14.75 -5.20
N VAL B 118 -14.11 -14.59 -6.40
CA VAL B 118 -14.55 -13.29 -6.90
C VAL B 118 -15.59 -12.71 -5.95
N LEU B 119 -16.60 -13.49 -5.58
CA LEU B 119 -17.64 -13.11 -4.62
C LEU B 119 -17.08 -12.70 -3.24
N VAL B 120 -16.03 -13.35 -2.75
CA VAL B 120 -15.40 -12.97 -1.49
C VAL B 120 -14.59 -11.65 -1.68
N ARG B 121 -13.83 -11.53 -2.79
CA ARG B 121 -13.00 -10.36 -3.15
C ARG B 121 -13.84 -9.10 -3.34
N MET B 122 -15.09 -9.30 -3.78
CA MET B 122 -16.13 -8.31 -4.06
C MET B 122 -16.46 -7.38 -2.90
N CYS B 123 -16.40 -7.88 -1.63
CA CYS B 123 -16.75 -7.08 -0.46
C CYS B 123 -15.88 -5.82 -0.33
N ARG B 124 -14.64 -5.85 -0.82
CA ARG B 124 -13.70 -4.72 -0.84
C ARG B 124 -14.25 -3.57 -1.73
N ALA B 125 -15.02 -3.91 -2.78
CA ALA B 125 -15.62 -2.95 -3.70
C ALA B 125 -17.07 -2.60 -3.27
N TYR B 126 -17.46 -3.04 -2.04
CA TYR B 126 -18.78 -2.81 -1.46
C TYR B 126 -18.70 -1.83 -0.32
N ASN B 127 -19.55 -0.79 -0.37
CA ASN B 127 -19.68 0.22 0.68
C ASN B 127 -20.93 -0.09 1.49
N ALA B 128 -20.73 -0.44 2.78
CA ALA B 128 -21.78 -0.80 3.73
C ALA B 128 -22.65 0.40 4.21
N ASP B 129 -22.04 1.60 4.27
CA ASP B 129 -22.68 2.87 4.65
C ASP B 129 -23.88 3.20 3.76
N ASN B 130 -23.65 3.39 2.46
CA ASN B 130 -24.67 3.57 1.43
C ASN B 130 -24.51 2.30 0.65
N ARG B 131 -25.40 1.29 0.86
CA ARG B 131 -25.37 -0.05 0.25
C ARG B 131 -25.14 -0.01 -1.32
N THR B 132 -23.86 0.29 -1.71
CA THR B 132 -23.34 0.49 -3.07
C THR B 132 -22.04 -0.27 -3.33
N VAL B 133 -21.82 -0.53 -4.62
CA VAL B 133 -20.71 -1.30 -5.15
C VAL B 133 -19.97 -0.50 -6.24
N PHE B 134 -18.64 -0.63 -6.31
CA PHE B 134 -17.87 0.06 -7.34
C PHE B 134 -18.07 -0.70 -8.67
N PHE B 135 -18.64 -0.02 -9.67
CA PHE B 135 -18.92 -0.62 -10.98
C PHE B 135 -18.72 0.41 -12.06
N GLU B 136 -17.86 0.09 -13.06
CA GLU B 136 -17.57 0.94 -14.22
C GLU B 136 -17.23 2.41 -13.87
N GLY B 137 -16.33 2.57 -12.89
CA GLY B 137 -15.80 3.88 -12.50
C GLY B 137 -16.35 4.58 -11.28
N LYS B 138 -17.64 4.34 -10.96
CA LYS B 138 -18.31 4.98 -9.83
C LYS B 138 -19.06 3.96 -8.97
N TYR B 139 -19.52 4.40 -7.79
CA TYR B 139 -20.30 3.61 -6.83
C TYR B 139 -21.78 3.76 -7.11
N GLY B 140 -22.48 2.64 -7.11
CA GLY B 140 -23.92 2.59 -7.34
C GLY B 140 -24.52 1.39 -6.66
N GLY B 141 -25.79 1.51 -6.28
CA GLY B 141 -26.55 0.46 -5.64
C GLY B 141 -27.21 -0.48 -6.63
N MET B 142 -27.87 -1.54 -6.10
CA MET B 142 -28.62 -2.60 -6.78
C MET B 142 -29.43 -2.17 -7.96
N GLU B 143 -30.01 -0.94 -7.93
CA GLU B 143 -30.87 -0.38 -8.99
C GLU B 143 -30.13 -0.28 -10.34
N LEU B 144 -28.81 -0.04 -10.27
CA LEU B 144 -27.92 0.01 -11.42
C LEU B 144 -28.06 -1.22 -12.36
N PHE B 145 -28.36 -2.40 -11.77
CA PHE B 145 -28.41 -3.71 -12.45
C PHE B 145 -29.81 -4.22 -12.79
N ARG B 146 -30.83 -3.35 -12.79
CA ARG B 146 -32.24 -3.66 -13.03
C ARG B 146 -32.52 -4.38 -14.35
N ALA B 147 -31.81 -3.99 -15.44
CA ALA B 147 -31.99 -4.52 -16.80
C ALA B 147 -31.63 -5.99 -16.96
N LEU B 148 -30.85 -6.56 -16.01
CA LEU B 148 -30.40 -7.94 -16.03
C LEU B 148 -31.55 -8.91 -15.88
N GLY B 149 -32.60 -8.45 -15.22
CA GLY B 149 -33.79 -9.25 -14.95
C GLY B 149 -33.52 -10.39 -13.99
N CYS B 150 -32.58 -10.19 -13.05
CA CYS B 150 -32.24 -11.19 -12.04
C CYS B 150 -32.00 -10.53 -10.70
N SER B 151 -33.04 -9.81 -10.25
CA SER B 151 -33.14 -9.04 -9.00
C SER B 151 -32.83 -9.85 -7.74
N GLU B 152 -33.35 -11.10 -7.67
CA GLU B 152 -33.12 -12.03 -6.56
C GLU B 152 -31.60 -12.30 -6.38
N LEU B 153 -30.89 -12.66 -7.50
CA LEU B 153 -29.45 -12.89 -7.54
C LEU B 153 -28.68 -11.66 -7.07
N ILE B 154 -29.06 -10.46 -7.57
CA ILE B 154 -28.41 -9.20 -7.16
C ILE B 154 -28.55 -8.95 -5.65
N SER B 155 -29.75 -9.22 -5.11
CA SER B 155 -30.04 -9.04 -3.69
C SER B 155 -29.13 -9.98 -2.89
N SER B 156 -29.10 -11.29 -3.32
CA SER B 156 -28.30 -12.36 -2.70
C SER B 156 -26.80 -11.95 -2.63
N ILE B 157 -26.29 -11.39 -3.74
CA ILE B 157 -24.92 -10.90 -3.89
C ILE B 157 -24.67 -9.72 -2.93
N PHE B 158 -25.54 -8.69 -3.00
CA PHE B 158 -25.46 -7.52 -2.14
C PHE B 158 -25.52 -7.89 -0.62
N ASP B 159 -26.41 -8.83 -0.23
CA ASP B 159 -26.50 -9.32 1.17
C ASP B 159 -25.24 -10.04 1.57
N PHE B 160 -24.73 -10.93 0.66
CA PHE B 160 -23.49 -11.66 0.90
C PHE B 160 -22.36 -10.69 1.21
N SER B 161 -22.17 -9.66 0.35
CA SER B 161 -21.11 -8.67 0.56
C SER B 161 -21.31 -7.88 1.85
N HIS B 162 -22.59 -7.56 2.16
CA HIS B 162 -22.99 -6.84 3.36
C HIS B 162 -22.59 -7.63 4.61
N SER B 163 -22.90 -8.95 4.63
CA SER B 163 -22.55 -9.84 5.73
C SER B 163 -21.03 -9.98 5.91
N LEU B 164 -20.24 -9.92 4.81
CA LEU B 164 -18.78 -9.99 4.90
C LEU B 164 -18.15 -8.70 5.44
N SER B 165 -18.77 -7.54 5.13
CA SER B 165 -18.36 -6.20 5.55
C SER B 165 -18.38 -6.08 7.08
N ALA B 166 -19.38 -6.76 7.70
CA ALA B 166 -19.61 -6.86 9.14
C ALA B 166 -18.40 -7.46 9.85
N LEU B 167 -17.74 -8.47 9.24
CA LEU B 167 -16.57 -9.13 9.82
C LEU B 167 -15.32 -8.24 9.87
N HIS B 168 -15.28 -7.13 9.09
CA HIS B 168 -14.18 -6.16 9.03
C HIS B 168 -12.83 -6.81 8.76
N PHE B 169 -12.80 -7.65 7.71
CA PHE B 169 -11.60 -8.38 7.31
C PHE B 169 -10.45 -7.44 7.02
N SER B 170 -9.26 -7.91 7.34
CA SER B 170 -8.02 -7.23 7.00
C SER B 170 -7.67 -7.84 5.61
N GLU B 171 -6.76 -7.21 4.87
CA GLU B 171 -6.37 -7.73 3.54
C GLU B 171 -5.72 -9.12 3.67
N ASP B 172 -4.99 -9.36 4.78
CA ASP B 172 -4.35 -10.65 5.08
C ASP B 172 -5.41 -11.72 5.32
N GLU B 173 -6.49 -11.36 6.05
CA GLU B 173 -7.59 -12.28 6.33
C GLU B 173 -8.30 -12.73 5.05
N ILE B 174 -8.54 -11.78 4.09
CA ILE B 174 -9.15 -12.11 2.79
C ILE B 174 -8.21 -13.01 1.99
N ALA B 175 -6.89 -12.76 2.08
CA ALA B 175 -5.85 -13.53 1.39
C ALA B 175 -5.90 -14.99 1.82
N LEU B 176 -5.84 -15.22 3.15
CA LEU B 176 -5.83 -16.54 3.74
C LEU B 176 -7.16 -17.28 3.58
N TYR B 177 -8.29 -16.56 3.70
CA TYR B 177 -9.63 -17.13 3.52
C TYR B 177 -9.89 -17.58 2.05
N THR B 178 -9.55 -16.73 1.04
CA THR B 178 -9.76 -17.03 -0.40
C THR B 178 -8.86 -18.19 -0.87
N ALA B 179 -7.65 -18.30 -0.29
CA ALA B 179 -6.74 -19.41 -0.56
C ALA B 179 -7.47 -20.73 -0.24
N LEU B 180 -8.16 -20.82 0.92
CA LEU B 180 -8.94 -21.98 1.33
C LEU B 180 -10.22 -22.21 0.50
N VAL B 181 -10.93 -21.13 0.13
CA VAL B 181 -12.14 -21.19 -0.70
C VAL B 181 -11.81 -22.01 -1.98
N LEU B 182 -10.63 -21.68 -2.58
CA LEU B 182 -10.06 -22.29 -3.77
C LEU B 182 -9.47 -23.70 -3.54
N ILE B 183 -8.64 -23.88 -2.48
CA ILE B 183 -8.05 -25.20 -2.22
C ILE B 183 -9.00 -26.00 -1.32
N ASN B 184 -10.07 -26.54 -1.92
CA ASN B 184 -11.11 -27.35 -1.26
C ASN B 184 -11.01 -28.82 -1.73
N ALA B 185 -10.53 -29.70 -0.85
CA ALA B 185 -10.33 -31.13 -1.17
C ALA B 185 -11.63 -31.95 -1.42
N HIS B 186 -12.82 -31.36 -1.14
CA HIS B 186 -14.13 -32.00 -1.33
C HIS B 186 -14.73 -31.78 -2.72
N ARG B 187 -13.99 -31.20 -3.66
CA ARG B 187 -14.54 -30.96 -5.00
C ARG B 187 -14.63 -32.24 -5.81
N PRO B 188 -15.82 -32.56 -6.35
CA PRO B 188 -15.95 -33.75 -7.20
C PRO B 188 -15.08 -33.62 -8.46
N GLY B 189 -14.32 -34.67 -8.74
CA GLY B 189 -13.46 -34.76 -9.91
C GLY B 189 -11.99 -34.71 -9.65
N LEU B 190 -11.59 -34.60 -8.39
CA LEU B 190 -10.18 -34.52 -8.02
C LEU B 190 -9.50 -35.89 -8.21
N GLN B 191 -8.42 -35.92 -9.01
CA GLN B 191 -7.63 -37.12 -9.28
C GLN B 191 -6.71 -37.45 -8.09
N GLU B 192 -5.87 -36.49 -7.67
CA GLU B 192 -4.94 -36.62 -6.54
C GLU B 192 -5.54 -35.91 -5.30
N LYS B 193 -6.65 -36.49 -4.76
CA LYS B 193 -7.38 -35.97 -3.60
C LYS B 193 -6.46 -35.68 -2.41
N ARG B 194 -5.60 -36.67 -2.03
CA ARG B 194 -4.67 -36.58 -0.91
C ARG B 194 -3.68 -35.43 -1.02
N LYS B 195 -3.24 -35.13 -2.27
CA LYS B 195 -2.31 -34.05 -2.55
C LYS B 195 -2.98 -32.67 -2.26
N VAL B 196 -4.29 -32.54 -2.58
CA VAL B 196 -5.09 -31.35 -2.34
C VAL B 196 -5.37 -31.23 -0.83
N GLU B 197 -5.61 -32.39 -0.15
CA GLU B 197 -5.85 -32.47 1.30
C GLU B 197 -4.67 -31.94 2.08
N GLN B 198 -3.42 -32.28 1.68
CA GLN B 198 -2.26 -31.78 2.40
C GLN B 198 -2.04 -30.26 2.19
N LEU B 199 -2.37 -29.75 0.98
CA LEU B 199 -2.27 -28.34 0.67
C LEU B 199 -3.36 -27.56 1.46
N GLN B 200 -4.58 -28.13 1.51
CA GLN B 200 -5.68 -27.55 2.26
C GLN B 200 -5.29 -27.46 3.73
N TYR B 201 -4.79 -28.56 4.32
CA TYR B 201 -4.39 -28.66 5.73
C TYR B 201 -3.39 -27.59 6.13
N ASN B 202 -2.36 -27.40 5.30
CA ASN B 202 -1.33 -26.41 5.57
C ASN B 202 -1.85 -24.98 5.47
N LEU B 203 -2.80 -24.73 4.53
CA LEU B 203 -3.40 -23.41 4.35
C LEU B 203 -4.35 -23.09 5.50
N GLU B 204 -5.07 -24.13 5.99
CA GLU B 204 -5.96 -24.02 7.14
C GLU B 204 -5.16 -23.63 8.40
N LEU B 205 -3.99 -24.28 8.60
CA LEU B 205 -3.08 -23.98 9.70
C LEU B 205 -2.59 -22.55 9.62
N ALA B 206 -2.14 -22.11 8.41
CA ALA B 206 -1.66 -20.76 8.13
C ALA B 206 -2.71 -19.74 8.55
N PHE B 207 -3.98 -19.91 8.10
CA PHE B 207 -5.13 -19.04 8.42
C PHE B 207 -5.35 -18.98 9.93
N HIS B 208 -5.52 -20.15 10.55
CA HIS B 208 -5.74 -20.32 11.98
C HIS B 208 -4.61 -19.78 12.84
N HIS B 209 -3.33 -19.95 12.42
CA HIS B 209 -2.17 -19.43 13.14
C HIS B 209 -2.22 -17.89 13.13
N HIS B 210 -2.45 -17.28 11.95
CA HIS B 210 -2.55 -15.84 11.80
C HIS B 210 -3.72 -15.31 12.61
N LEU B 211 -4.86 -16.04 12.63
CA LEU B 211 -6.02 -15.59 13.41
C LEU B 211 -5.71 -15.54 14.90
N CYS B 212 -5.10 -16.62 15.43
CA CYS B 212 -4.61 -16.82 16.79
C CYS B 212 -3.71 -15.65 17.23
N LYS B 213 -2.61 -15.42 16.46
CA LYS B 213 -1.60 -14.36 16.68
C LYS B 213 -2.20 -12.99 16.72
N THR B 214 -3.23 -12.72 15.88
CA THR B 214 -3.87 -11.40 15.75
C THR B 214 -5.09 -11.24 16.65
N HIS B 215 -5.46 -12.30 17.42
CA HIS B 215 -6.63 -12.36 18.33
C HIS B 215 -7.94 -12.23 17.56
N ARG B 216 -8.03 -12.88 16.40
CA ARG B 216 -9.20 -12.79 15.56
C ARG B 216 -9.85 -14.15 15.27
N GLN B 217 -9.64 -15.13 16.17
CA GLN B 217 -10.24 -16.47 16.11
C GLN B 217 -11.77 -16.39 16.04
N SER B 218 -12.36 -15.39 16.73
CA SER B 218 -13.80 -15.08 16.82
C SER B 218 -14.54 -15.06 15.47
N ILE B 219 -13.85 -14.62 14.39
CA ILE B 219 -14.45 -14.51 13.05
C ILE B 219 -14.79 -15.89 12.44
N LEU B 220 -14.14 -16.99 12.90
CA LEU B 220 -14.38 -18.34 12.40
C LEU B 220 -15.84 -18.75 12.44
N ALA B 221 -16.51 -18.53 13.59
CA ALA B 221 -17.93 -18.88 13.76
C ALA B 221 -18.84 -17.93 12.94
N LYS B 222 -18.40 -16.65 12.80
CA LYS B 222 -19.07 -15.59 12.05
C LYS B 222 -18.96 -15.72 10.51
N LEU B 223 -18.04 -16.57 9.97
CA LEU B 223 -17.85 -16.76 8.52
C LEU B 223 -19.07 -17.40 7.88
N PRO B 224 -19.42 -17.02 6.63
CA PRO B 224 -20.61 -17.61 5.99
C PRO B 224 -20.51 -19.11 5.73
N PRO B 225 -21.63 -19.86 5.84
CA PRO B 225 -21.58 -21.30 5.55
C PRO B 225 -21.19 -21.59 4.11
N LYS B 226 -20.50 -22.73 3.87
CA LYS B 226 -20.09 -23.14 2.51
C LYS B 226 -21.28 -23.26 1.53
N GLY B 227 -22.49 -23.40 2.06
CA GLY B 227 -23.72 -23.47 1.29
C GLY B 227 -24.15 -22.16 0.67
N LYS B 228 -23.79 -21.01 1.30
CA LYS B 228 -24.16 -19.68 0.81
C LYS B 228 -23.42 -19.31 -0.49
N LEU B 229 -22.10 -19.64 -0.59
CA LEU B 229 -21.30 -19.40 -1.80
C LEU B 229 -21.73 -20.32 -2.94
N ARG B 230 -22.01 -21.59 -2.61
CA ARG B 230 -22.50 -22.61 -3.57
C ARG B 230 -23.84 -22.15 -4.19
N SER B 231 -24.73 -21.55 -3.35
CA SER B 231 -26.05 -21.00 -3.68
C SER B 231 -25.94 -19.89 -4.74
N LEU B 232 -25.07 -18.91 -4.46
CA LEU B 232 -24.82 -17.79 -5.34
C LEU B 232 -24.37 -18.22 -6.72
N CYS B 233 -23.44 -19.20 -6.79
CA CYS B 233 -22.90 -19.74 -8.05
C CYS B 233 -23.95 -20.48 -8.83
N SER B 234 -24.73 -21.31 -8.14
CA SER B 234 -25.83 -22.07 -8.71
C SER B 234 -26.85 -21.14 -9.34
N GLN B 235 -27.24 -20.08 -8.59
CA GLN B 235 -28.17 -19.05 -9.06
C GLN B 235 -27.64 -18.37 -10.30
N HIS B 236 -26.34 -18.03 -10.30
CA HIS B 236 -25.69 -17.39 -11.43
C HIS B 236 -25.80 -18.27 -12.69
N VAL B 237 -25.51 -19.56 -12.56
CA VAL B 237 -25.58 -20.52 -13.66
C VAL B 237 -27.03 -20.67 -14.15
N GLU B 238 -28.00 -20.69 -13.22
CA GLU B 238 -29.42 -20.76 -13.53
C GLU B 238 -29.86 -19.55 -14.36
N ARG B 239 -29.59 -18.34 -13.86
CA ARG B 239 -29.94 -17.08 -14.52
C ARG B 239 -29.29 -16.91 -15.91
N LEU B 240 -28.04 -17.40 -16.07
CA LEU B 240 -27.30 -17.38 -17.32
C LEU B 240 -27.98 -18.26 -18.38
N GLN B 241 -28.45 -19.48 -17.97
CA GLN B 241 -29.11 -20.38 -18.92
C GLN B 241 -30.52 -19.88 -19.30
N ILE B 242 -31.11 -18.92 -18.52
CA ILE B 242 -32.37 -18.28 -18.90
C ILE B 242 -32.01 -17.28 -20.00
N PHE B 243 -31.01 -16.43 -19.72
CA PHE B 243 -30.52 -15.42 -20.66
C PHE B 243 -30.06 -16.04 -21.99
N GLN B 244 -29.34 -17.19 -21.95
CA GLN B 244 -28.85 -17.90 -23.15
C GLN B 244 -30.03 -18.44 -23.98
N HIS B 245 -31.17 -18.73 -23.36
CA HIS B 245 -32.34 -19.21 -24.04
C HIS B 245 -32.96 -18.05 -24.86
N LEU B 246 -33.09 -16.85 -24.25
CA LEU B 246 -33.63 -15.67 -24.90
C LEU B 246 -32.67 -15.10 -25.97
N HIS B 247 -31.39 -14.90 -25.62
CA HIS B 247 -30.38 -14.37 -26.52
C HIS B 247 -29.18 -15.34 -26.67
N PRO B 248 -29.33 -16.45 -27.44
CA PRO B 248 -28.23 -17.43 -27.56
C PRO B 248 -27.05 -17.02 -28.43
N ILE B 249 -27.28 -16.05 -29.34
CA ILE B 249 -26.21 -15.60 -30.23
C ILE B 249 -25.45 -14.47 -29.57
N VAL B 250 -26.06 -13.81 -28.57
CA VAL B 250 -25.38 -12.77 -27.78
C VAL B 250 -24.27 -13.50 -27.02
N VAL B 251 -24.62 -14.66 -26.42
CA VAL B 251 -23.69 -15.54 -25.72
C VAL B 251 -22.59 -16.05 -26.70
N GLN B 252 -22.99 -16.59 -27.89
CA GLN B 252 -22.06 -17.10 -28.91
C GLN B 252 -21.12 -16.03 -29.45
N ALA B 253 -21.65 -14.82 -29.74
CA ALA B 253 -20.91 -13.73 -30.36
C ALA B 253 -20.21 -12.73 -29.43
N ALA B 254 -20.87 -12.28 -28.36
CA ALA B 254 -20.40 -11.20 -27.51
C ALA B 254 -20.01 -11.55 -26.06
N PHE B 255 -20.05 -12.85 -25.68
CA PHE B 255 -19.64 -13.24 -24.32
C PHE B 255 -18.20 -13.72 -24.32
N PRO B 256 -17.40 -13.38 -23.29
CA PRO B 256 -16.00 -13.85 -23.27
C PRO B 256 -15.91 -15.37 -23.31
N PRO B 257 -14.98 -15.94 -24.11
CA PRO B 257 -14.84 -17.42 -24.17
C PRO B 257 -14.55 -18.08 -22.82
N LEU B 258 -13.74 -17.44 -21.95
CA LEU B 258 -13.44 -17.97 -20.62
C LEU B 258 -14.73 -18.11 -19.77
N TYR B 259 -15.64 -17.13 -19.90
CA TYR B 259 -16.92 -17.11 -19.22
C TYR B 259 -17.81 -18.26 -19.76
N LYS B 260 -17.90 -18.44 -21.08
CA LYS B 260 -18.68 -19.53 -21.67
C LYS B 260 -18.10 -20.89 -21.20
N GLU B 261 -16.75 -20.98 -21.16
CA GLU B 261 -16.00 -22.15 -20.70
C GLU B 261 -16.35 -22.55 -19.28
N LEU B 262 -16.40 -21.59 -18.37
CA LEU B 262 -16.67 -21.83 -16.96
C LEU B 262 -18.13 -22.01 -16.60
N PHE B 263 -19.04 -21.37 -17.34
CA PHE B 263 -20.45 -21.31 -16.92
C PHE B 263 -21.55 -21.72 -17.92
N SER B 264 -21.29 -21.81 -19.24
CA SER B 264 -22.35 -22.07 -20.25
C SER B 264 -23.18 -23.35 -20.07
N THR B 265 -22.56 -24.55 -20.27
CA THR B 265 -23.16 -25.91 -20.20
C THR B 265 -24.62 -25.96 -20.78
N THR B 273 -6.40 -29.37 -20.72
CA THR B 273 -7.21 -30.51 -20.32
C THR B 273 -8.67 -30.33 -20.71
N GLU B 274 -9.30 -31.45 -21.09
CA GLU B 274 -10.70 -31.65 -21.49
C GLU B 274 -11.29 -30.48 -22.34
N ARG B 275 -12.49 -30.00 -21.94
CA ARG B 275 -13.32 -28.97 -22.55
C ARG B 275 -13.08 -27.59 -21.90
N HIS B 276 -11.78 -27.26 -21.62
CA HIS B 276 -11.38 -26.02 -20.96
C HIS B 276 -10.12 -25.45 -21.57
N LYS B 277 -10.21 -25.07 -22.86
CA LYS B 277 -9.11 -24.53 -23.65
C LYS B 277 -8.48 -23.26 -23.04
N ILE B 278 -9.27 -22.15 -22.87
CA ILE B 278 -8.82 -20.86 -22.33
C ILE B 278 -8.17 -20.99 -20.96
N LEU B 279 -8.87 -21.61 -20.02
CA LEU B 279 -8.40 -21.81 -18.67
C LEU B 279 -7.04 -22.51 -18.64
N HIS B 280 -6.88 -23.63 -19.38
CA HIS B 280 -5.61 -24.36 -19.46
C HIS B 280 -4.55 -23.45 -20.11
N ARG B 281 -4.90 -22.68 -21.17
CA ARG B 281 -4.00 -21.71 -21.81
C ARG B 281 -3.43 -20.77 -20.74
N LEU B 282 -4.29 -20.32 -19.84
CA LEU B 282 -3.88 -19.45 -18.71
C LEU B 282 -3.02 -20.25 -17.73
N LEU B 283 -3.04 -21.57 -17.83
CA LEU B 283 -2.21 -22.41 -16.92
C LEU B 283 -0.95 -22.91 -17.66
N GLN B 284 -1.09 -23.48 -18.88
CA GLN B 284 -0.08 -23.56 -19.97
C GLN B 284 0.97 -22.48 -19.72
N GLU B 285 0.66 -21.25 -20.11
CA GLU B 285 1.40 -20.07 -19.64
C GLU B 285 1.39 -19.94 -18.12
C1 O5A C . 8.54 20.99 1.89
C2 O5A C . 7.87 20.53 3.02
C3 O5A C . 8.59 20.44 4.21
C4 O5A C . 9.90 20.87 4.29
C5 O5A C . 10.54 21.41 3.18
C6 O5A C . 9.86 21.41 1.97
C7 O5A C . 6.31 20.28 2.99
C8 O5A C . 11.86 22.18 3.32
C9 O5A C . 5.68 19.91 1.59
C10 O5A C . 5.54 21.50 3.60
S11 O5A C . 11.53 23.99 3.01
C12 O5A C . 10.29 24.43 4.18
C13 O5A C . 10.65 24.77 5.46
C14 O5A C . 9.69 24.86 6.45
C15 O5A C . 8.38 24.63 6.11
C16 O5A C . 7.98 24.35 4.82
C17 O5A C . 8.95 24.26 3.84
O18 O5A C . 10.99 24.12 1.68
O19 O5A C . 12.74 24.71 3.33
F20 O5A C . 4.41 19.55 1.72
F21 O5A C . 5.70 20.94 0.74
F22 O5A C . 6.33 18.90 1.01
C23 O5A C . 12.52 21.93 4.74
N24 O5A C . 13.91 21.55 4.48
C25 O5A C . 13.97 20.90 3.18
C26 O5A C . 12.97 21.69 2.35
F27 O5A C . 5.98 19.21 3.80
F28 O5A C . 4.25 21.24 3.73
F29 O5A C . 5.99 21.82 4.81
F30 O5A C . 5.66 22.59 2.84
F31 O5A C . 7.44 24.65 7.09
C32 O5A C . 14.96 21.87 5.28
O33 O5A C . 14.82 22.63 6.22
C34 O5A C . 16.30 21.23 4.99
C35 O5A C . 16.42 19.89 5.73
C36 O5A C . 17.76 19.22 5.39
C37 O5A C . 18.96 20.13 5.77
C38 O5A C . 18.81 21.51 5.10
C39 O5A C . 17.45 22.15 5.41
C40 O5A C . 20.29 19.47 5.47
O41 O5A C . 20.41 18.44 4.84
O42 O5A C . 21.31 20.14 5.93
C1 O5A D . -21.03 -10.18 -12.42
C2 O5A D . -21.78 -10.56 -11.30
C3 O5A D . -21.31 -10.19 -10.05
C4 O5A D . -20.17 -9.43 -9.92
C5 O5A D . -19.46 -8.99 -11.02
C6 O5A D . -19.90 -9.41 -12.28
C7 O5A D . -23.12 -11.28 -11.46
C8 O5A D . -18.36 -7.93 -10.88
C9 O5A D . -23.16 -12.42 -12.48
C10 O5A D . -24.30 -10.30 -11.71
S11 O5A D . -18.98 -6.29 -11.48
C12 O5A D . -20.50 -6.05 -10.63
C13 O5A D . -20.47 -5.63 -9.30
C14 O5A D . -21.57 -5.86 -8.49
C15 O5A D . -22.66 -6.49 -9.04
C16 O5A D . -22.76 -6.78 -10.36
C17 O5A D . -21.68 -6.55 -11.18
O18 O5A D . -19.27 -6.43 -12.89
O19 O5A D . -18.05 -5.28 -11.07
F20 O5A D . -24.26 -13.15 -12.32
F21 O5A D . -23.14 -11.98 -13.74
F22 O5A D . -22.10 -13.22 -12.32
C23 O5A D . -17.88 -7.95 -9.39
N24 O5A D . -16.45 -7.64 -9.39
C25 O5A D . -15.85 -7.95 -10.69
C26 O5A D . -17.03 -8.29 -11.60
F27 O5A D . -23.47 -11.93 -10.30
F28 O5A D . -25.47 -10.94 -11.65
F29 O5A D . -24.33 -9.34 -10.80
F30 O5A D . -24.22 -9.73 -12.90
F31 O5A D . -23.62 -6.96 -8.19
C32 O5A D . -15.84 -7.08 -8.32
O33 O5A D . -16.46 -6.70 -7.36
C34 O5A D . -14.32 -7.09 -8.32
C35 O5A D . -13.78 -8.39 -7.71
C36 O5A D . -12.27 -8.42 -7.75
C37 O5A D . -11.66 -7.22 -6.99
C38 O5A D . -12.23 -5.91 -7.55
C39 O5A D . -13.76 -5.89 -7.54
C40 O5A D . -10.15 -7.26 -7.03
O41 O5A D . -9.52 -8.27 -7.35
O42 O5A D . -9.58 -6.13 -6.70
#